data_6Q2Y
#
_entry.id   6Q2Y
#
_cell.length_a   70.425
_cell.length_b   73.950
_cell.length_c   77.687
_cell.angle_alpha   90.00
_cell.angle_beta   90.00
_cell.angle_gamma   90.00
#
_symmetry.space_group_name_H-M   'P 21 21 21'
#
loop_
_entity.id
_entity.type
_entity.pdbx_description
1 polymer 'Metallo-beta-lactamase type 2'
2 non-polymer 'ZINC ION'
3 non-polymer 'CALCIUM ION'
4 non-polymer [5-(aminomethyl)-1-benzothiophen-2-yl]-tris(oxidanyl)boranuide
5 non-polymer '4-(2-HYDROXYETHYL)-1-PIPERAZINE ETHANESULFONIC ACID'
6 water water
#
_entity_poly.entity_id   1
_entity_poly.type   'polypeptide(L)'
_entity_poly.pdbx_seq_one_letter_code
;MPGEIRPTIGQQMETGDQRFGDLVFRQLAPNVWQHTSYLDMPGFGAVASNGLIVRDGGRVLVVDTAWTDDQTAQILNWIK
QEINLPVALAVVTHAHQDKMGGMDALHAAGIATYANALSNQLAPQEGMVAAQHSLTFAANGWVEPATAPNFGPLKVFYPG
PGHTSDNITVGIDGTDIAFGGCLIKDSKAKSLGNLGDADTEHYAASARAFGAAFPKASMIVMSHSAPDSRAAITHTARMA
DKLR
;
_entity_poly.pdbx_strand_id   A,B
#
loop_
_chem_comp.id
_chem_comp.type
_chem_comp.name
_chem_comp.formula
CA non-polymer 'CALCIUM ION' 'Ca 2'
EPE non-polymer '4-(2-HYDROXYETHYL)-1-PIPERAZINE ETHANESULFONIC ACID' 'C8 H18 N2 O4 S'
HCQ non-polymer [5-(aminomethyl)-1-benzothiophen-2-yl]-tris(oxidanyl)boranuide 'C9 H11 B N O3 S -1'
ZN non-polymer 'ZINC ION' 'Zn 2'
#
# COMPACT_ATOMS: atom_id res chain seq x y z
N GLU A 14 11.32 -16.94 31.61
CA GLU A 14 11.66 -15.79 32.51
C GLU A 14 10.56 -15.61 33.57
N THR A 15 10.94 -14.95 34.68
CA THR A 15 10.14 -14.72 35.87
C THR A 15 8.86 -13.94 35.57
N GLY A 16 7.73 -14.48 36.05
CA GLY A 16 6.43 -13.83 35.92
C GLY A 16 5.72 -14.23 34.62
N ASP A 17 6.49 -14.81 33.70
CA ASP A 17 5.87 -15.22 32.45
C ASP A 17 4.98 -16.42 32.74
N GLN A 18 3.98 -16.60 31.89
CA GLN A 18 3.11 -17.74 32.05
C GLN A 18 3.06 -18.55 30.77
N ARG A 19 2.71 -19.80 30.88
N ARG A 19 3.17 -19.90 30.87
CA ARG A 19 2.73 -20.60 29.69
CA ARG A 19 2.82 -20.85 29.80
C ARG A 19 1.43 -21.33 29.66
C ARG A 19 1.31 -21.22 29.73
N PHE A 20 0.78 -21.33 28.50
CA PHE A 20 -0.50 -22.00 28.25
C PHE A 20 -0.27 -22.77 26.98
N GLY A 21 -0.25 -24.11 27.06
CA GLY A 21 -0.01 -24.86 25.83
C GLY A 21 1.39 -24.54 25.30
N ASP A 22 1.39 -24.17 24.02
CA ASP A 22 2.59 -23.82 23.29
C ASP A 22 2.93 -22.31 23.44
N LEU A 23 2.12 -21.53 24.12
CA LEU A 23 2.16 -20.05 24.12
C LEU A 23 2.81 -19.57 25.42
N VAL A 24 3.50 -18.43 25.36
CA VAL A 24 4.00 -17.75 26.55
C VAL A 24 3.41 -16.36 26.59
N PHE A 25 3.06 -15.92 27.77
CA PHE A 25 2.46 -14.63 28.00
C PHE A 25 3.26 -13.84 29.00
N ARG A 26 3.46 -12.56 28.74
CA ARG A 26 4.20 -11.71 29.65
C ARG A 26 3.38 -10.44 29.86
N GLN A 27 3.09 -10.07 31.10
CA GLN A 27 2.36 -8.86 31.34
C GLN A 27 3.30 -7.68 31.20
N LEU A 28 2.97 -6.70 30.38
CA LEU A 28 3.78 -5.52 30.14
C LEU A 28 3.28 -4.31 30.92
N ALA A 29 2.00 -4.23 31.22
CA ALA A 29 1.39 -3.11 31.89
C ALA A 29 0.10 -3.65 32.47
N PRO A 30 -0.61 -2.88 33.33
CA PRO A 30 -1.80 -3.44 33.99
C PRO A 30 -2.81 -4.05 33.02
N ASN A 31 -2.90 -3.49 31.82
CA ASN A 31 -3.91 -3.95 30.87
C ASN A 31 -3.31 -4.43 29.57
N VAL A 32 -2.03 -4.73 29.55
CA VAL A 32 -1.40 -5.15 28.30
C VAL A 32 -0.50 -6.35 28.56
N TRP A 33 -0.62 -7.35 27.67
CA TRP A 33 0.22 -8.53 27.71
C TRP A 33 0.81 -8.75 26.33
N GLN A 34 2.00 -9.34 26.30
CA GLN A 34 2.59 -9.85 25.08
C GLN A 34 2.29 -11.34 24.98
N HIS A 35 1.83 -11.79 23.79
CA HIS A 35 1.70 -13.21 23.49
C HIS A 35 2.88 -13.61 22.63
N THR A 36 3.44 -14.78 22.89
CA THR A 36 4.56 -15.29 22.11
C THR A 36 4.27 -16.72 21.68
N SER A 37 4.42 -17.00 20.39
CA SER A 37 4.25 -18.32 19.82
C SER A 37 5.49 -18.66 19.02
N TYR A 38 5.66 -19.95 18.71
CA TYR A 38 6.91 -20.44 18.15
C TYR A 38 6.64 -21.34 16.96
N LEU A 39 7.43 -21.21 15.88
N LEU A 39 7.46 -21.16 15.92
CA LEU A 39 7.33 -22.10 14.75
CA LEU A 39 7.47 -22.02 14.77
C LEU A 39 8.72 -22.52 14.30
C LEU A 39 8.89 -22.60 14.62
N ASP A 40 8.94 -23.84 14.17
CA ASP A 40 10.19 -24.48 13.73
C ASP A 40 10.46 -24.06 12.28
N MET A 41 11.49 -23.24 12.08
CA MET A 41 11.95 -22.79 10.77
C MET A 41 13.17 -23.66 10.46
N PRO A 42 13.10 -24.56 9.45
CA PRO A 42 14.26 -25.42 9.13
C PRO A 42 15.52 -24.59 8.89
N GLY A 43 16.59 -24.89 9.65
CA GLY A 43 17.85 -24.19 9.48
C GLY A 43 17.93 -22.92 10.32
N PHE A 44 16.91 -22.70 11.14
CA PHE A 44 17.04 -21.68 12.16
C PHE A 44 16.74 -22.30 13.52
N GLY A 45 15.69 -23.13 13.57
CA GLY A 45 15.12 -23.63 14.81
C GLY A 45 13.82 -22.89 15.12
N ALA A 46 13.42 -22.91 16.40
CA ALA A 46 12.17 -22.30 16.86
C ALA A 46 12.22 -20.76 16.81
N VAL A 47 11.32 -20.16 16.00
CA VAL A 47 11.34 -18.72 15.86
C VAL A 47 10.15 -18.19 16.67
N ALA A 48 10.43 -17.32 17.60
CA ALA A 48 9.38 -16.68 18.38
C ALA A 48 8.73 -15.57 17.55
N SER A 49 7.42 -15.38 17.72
CA SER A 49 6.74 -14.21 17.22
C SER A 49 5.86 -13.67 18.31
N ASN A 50 5.87 -12.35 18.46
CA ASN A 50 5.10 -11.69 19.51
C ASN A 50 3.93 -10.89 18.94
N GLY A 51 2.82 -10.88 19.68
CA GLY A 51 1.73 -9.94 19.51
C GLY A 51 1.30 -9.40 20.85
N LEU A 52 0.13 -8.71 20.85
CA LEU A 52 -0.34 -8.05 22.06
C LEU A 52 -1.77 -8.45 22.36
N ILE A 53 -2.11 -8.35 23.65
CA ILE A 53 -3.45 -8.51 24.19
C ILE A 53 -3.71 -7.28 25.06
N VAL A 54 -4.83 -6.61 24.84
CA VAL A 54 -5.12 -5.35 25.56
C VAL A 54 -6.49 -5.49 26.18
N ARG A 55 -6.57 -5.26 27.50
CA ARG A 55 -7.84 -5.16 28.20
C ARG A 55 -8.30 -3.71 28.17
N ASP A 56 -9.45 -3.50 27.56
CA ASP A 56 -10.06 -2.19 27.38
C ASP A 56 -11.43 -2.16 28.05
N GLY A 57 -11.41 -1.90 29.36
CA GLY A 57 -12.64 -1.95 30.15
C GLY A 57 -13.19 -3.36 30.19
N GLY A 58 -14.40 -3.57 29.69
CA GLY A 58 -15.03 -4.87 29.75
C GLY A 58 -14.80 -5.76 28.53
N ARG A 59 -13.79 -5.44 27.69
CA ARG A 59 -13.49 -6.28 26.54
C ARG A 59 -11.96 -6.36 26.33
N VAL A 60 -11.59 -7.29 25.47
CA VAL A 60 -10.20 -7.50 25.11
C VAL A 60 -10.02 -7.27 23.62
N LEU A 61 -8.86 -6.72 23.26
CA LEU A 61 -8.48 -6.48 21.87
C LEU A 61 -7.17 -7.25 21.65
N VAL A 62 -7.01 -7.83 20.47
CA VAL A 62 -5.81 -8.60 20.16
C VAL A 62 -5.09 -7.94 18.99
N VAL A 63 -3.75 -7.90 19.05
CA VAL A 63 -2.93 -7.49 17.93
C VAL A 63 -2.09 -8.71 17.53
N ASP A 64 -2.31 -9.15 16.29
CA ASP A 64 -1.64 -10.26 15.62
C ASP A 64 -2.16 -11.61 16.09
N THR A 65 -2.27 -12.54 15.12
CA THR A 65 -2.46 -13.94 15.49
C THR A 65 -1.12 -14.54 15.92
N ALA A 66 -1.17 -15.83 16.29
CA ALA A 66 0.03 -16.67 16.37
C ALA A 66 0.35 -17.23 14.99
N TRP A 67 1.39 -18.08 14.93
CA TRP A 67 1.77 -18.67 13.65
C TRP A 67 0.67 -19.55 13.06
N THR A 68 -0.08 -20.23 13.93
CA THR A 68 -1.02 -21.22 13.45
C THR A 68 -2.38 -20.99 14.10
N ASP A 69 -3.40 -21.65 13.52
CA ASP A 69 -4.73 -21.64 14.07
C ASP A 69 -4.77 -22.23 15.47
N ASP A 70 -4.12 -23.39 15.66
CA ASP A 70 -4.17 -24.03 16.97
C ASP A 70 -3.51 -23.13 18.02
N GLN A 71 -2.37 -22.49 17.68
CA GLN A 71 -1.74 -21.58 18.63
C GLN A 71 -2.64 -20.38 18.95
N THR A 72 -3.35 -19.89 17.90
CA THR A 72 -4.21 -18.74 18.10
C THR A 72 -5.39 -19.10 18.99
N ALA A 73 -5.94 -20.34 18.84
CA ALA A 73 -6.97 -20.79 19.77
C ALA A 73 -6.41 -20.83 21.20
N GLN A 74 -5.15 -21.21 21.39
CA GLN A 74 -4.57 -21.23 22.73
C GLN A 74 -4.54 -19.82 23.31
N ILE A 75 -4.20 -18.79 22.50
CA ILE A 75 -4.30 -17.42 22.99
C ILE A 75 -5.69 -17.14 23.53
N LEU A 76 -6.71 -17.49 22.73
CA LEU A 76 -8.07 -17.16 23.10
C LEU A 76 -8.49 -17.86 24.40
N ASN A 77 -8.02 -19.11 24.59
CA ASN A 77 -8.38 -19.83 25.80
C ASN A 77 -7.62 -19.31 27.01
N TRP A 78 -6.34 -18.88 26.81
CA TRP A 78 -5.65 -18.19 27.89
C TRP A 78 -6.39 -16.92 28.33
N ILE A 79 -6.87 -16.15 27.34
CA ILE A 79 -7.61 -14.95 27.66
C ILE A 79 -8.84 -15.31 28.48
N LYS A 80 -9.59 -16.33 28.04
N LYS A 80 -9.59 -16.33 28.06
CA LYS A 80 -10.78 -16.81 28.73
CA LYS A 80 -10.78 -16.61 28.84
C LYS A 80 -10.46 -17.13 30.20
C LYS A 80 -10.42 -17.06 30.26
N GLN A 81 -9.37 -17.86 30.40
CA GLN A 81 -9.00 -18.35 31.73
C GLN A 81 -8.47 -17.23 32.62
N GLU A 82 -7.64 -16.33 32.07
CA GLU A 82 -6.89 -15.41 32.91
C GLU A 82 -7.52 -14.02 33.00
N ILE A 83 -8.28 -13.61 31.98
CA ILE A 83 -8.88 -12.29 31.92
C ILE A 83 -10.40 -12.42 32.00
N ASN A 84 -10.97 -13.39 31.31
CA ASN A 84 -12.40 -13.66 31.36
C ASN A 84 -13.24 -12.46 30.95
N LEU A 85 -12.91 -11.88 29.79
CA LEU A 85 -13.68 -10.83 29.15
C LEU A 85 -13.77 -11.20 27.68
N PRO A 86 -14.83 -10.78 26.97
CA PRO A 86 -14.94 -11.13 25.55
C PRO A 86 -13.91 -10.40 24.71
N VAL A 87 -13.45 -11.09 23.68
CA VAL A 87 -12.52 -10.50 22.73
C VAL A 87 -13.31 -9.82 21.63
N ALA A 88 -13.29 -8.51 21.60
CA ALA A 88 -14.13 -7.77 20.67
C ALA A 88 -13.58 -7.75 19.26
N LEU A 89 -12.26 -7.65 19.07
CA LEU A 89 -11.71 -7.51 17.73
C LEU A 89 -10.23 -7.83 17.79
N ALA A 90 -9.68 -8.08 16.61
CA ALA A 90 -8.26 -8.26 16.42
C ALA A 90 -7.83 -7.40 15.25
N VAL A 91 -6.62 -6.83 15.35
CA VAL A 91 -5.92 -6.11 14.31
CA VAL A 91 -6.01 -6.22 14.20
C VAL A 91 -4.71 -6.96 13.94
N VAL A 92 -4.48 -7.24 12.66
CA VAL A 92 -3.32 -8.04 12.26
C VAL A 92 -2.45 -7.17 11.37
N THR A 93 -1.11 -7.25 11.52
CA THR A 93 -0.27 -6.16 11.09
C THR A 93 0.41 -6.34 9.73
N HIS A 94 0.34 -7.49 9.10
CA HIS A 94 0.62 -7.65 7.68
C HIS A 94 0.34 -9.10 7.28
N ALA A 95 0.31 -9.32 5.97
CA ALA A 95 -0.09 -10.63 5.43
C ALA A 95 1.09 -11.58 5.34
N HIS A 96 1.59 -12.04 6.47
CA HIS A 96 2.59 -13.11 6.58
C HIS A 96 2.15 -14.03 7.72
N GLN A 97 2.70 -15.24 7.75
CA GLN A 97 2.20 -16.28 8.63
C GLN A 97 2.29 -15.96 10.12
N ASP A 98 3.35 -15.29 10.55
CA ASP A 98 3.50 -15.01 11.97
C ASP A 98 2.41 -14.08 12.48
N LYS A 99 1.83 -13.25 11.61
CA LYS A 99 0.86 -12.23 12.00
C LYS A 99 -0.58 -12.60 11.64
N MET A 100 -0.75 -13.41 10.57
N MET A 100 -0.74 -13.45 10.62
CA MET A 100 -2.07 -13.77 10.08
CA MET A 100 -2.03 -13.74 10.02
C MET A 100 -2.26 -15.27 9.90
C MET A 100 -2.25 -15.25 9.88
N GLY A 101 -1.34 -16.11 10.36
CA GLY A 101 -1.52 -17.56 10.24
C GLY A 101 -2.74 -18.10 10.92
N GLY A 102 -3.24 -17.40 11.95
CA GLY A 102 -4.32 -17.90 12.76
C GLY A 102 -5.68 -17.24 12.50
N MET A 103 -5.87 -16.65 11.31
N MET A 103 -5.86 -16.66 11.31
CA MET A 103 -7.13 -15.97 11.04
CA MET A 103 -7.12 -15.97 11.05
C MET A 103 -8.33 -16.88 11.17
C MET A 103 -8.33 -16.87 11.17
N ASP A 104 -8.22 -18.11 10.65
CA ASP A 104 -9.36 -19.00 10.73
C ASP A 104 -9.80 -19.22 12.18
N ALA A 105 -8.86 -19.35 13.11
CA ALA A 105 -9.22 -19.51 14.51
C ALA A 105 -9.94 -18.29 15.07
N LEU A 106 -9.50 -17.08 14.69
CA LEU A 106 -10.20 -15.89 15.13
C LEU A 106 -11.64 -15.90 14.60
N HIS A 107 -11.80 -16.23 13.33
CA HIS A 107 -13.13 -16.23 12.73
C HIS A 107 -14.01 -17.31 13.35
N ALA A 108 -13.45 -18.47 13.63
CA ALA A 108 -14.20 -19.57 14.23
C ALA A 108 -14.71 -19.14 15.61
N ALA A 109 -13.94 -18.32 16.33
CA ALA A 109 -14.26 -17.83 17.66
C ALA A 109 -15.17 -16.60 17.63
N GLY A 110 -15.51 -16.13 16.42
CA GLY A 110 -16.39 -14.99 16.34
C GLY A 110 -15.75 -13.64 16.66
N ILE A 111 -14.43 -13.51 16.46
CA ILE A 111 -13.75 -12.24 16.70
C ILE A 111 -13.67 -11.49 15.41
N ALA A 112 -14.15 -10.24 15.42
CA ALA A 112 -14.09 -9.39 14.22
C ALA A 112 -12.63 -9.07 13.91
N THR A 113 -12.25 -9.19 12.65
CA THR A 113 -10.86 -8.99 12.27
C THR A 113 -10.70 -7.83 11.32
N TYR A 114 -9.57 -7.14 11.52
CA TYR A 114 -9.23 -5.94 10.78
C TYR A 114 -7.78 -6.03 10.29
N ALA A 115 -7.53 -5.60 9.07
CA ALA A 115 -6.17 -5.54 8.54
C ALA A 115 -6.13 -4.40 7.54
N ASN A 116 -4.94 -3.89 7.22
CA ASN A 116 -4.76 -2.99 6.11
C ASN A 116 -5.50 -3.59 4.88
N ALA A 117 -6.23 -2.73 4.14
CA ALA A 117 -6.83 -3.15 2.88
C ALA A 117 -5.79 -3.86 2.02
N LEU A 118 -4.55 -3.34 1.98
CA LEU A 118 -3.51 -3.92 1.15
C LEU A 118 -3.15 -5.33 1.64
N SER A 119 -3.11 -5.54 2.98
CA SER A 119 -2.91 -6.88 3.51
C SER A 119 -4.00 -7.84 3.05
N ASN A 120 -5.26 -7.38 3.06
CA ASN A 120 -6.36 -8.20 2.63
C ASN A 120 -6.26 -8.53 1.13
N GLN A 121 -5.78 -7.55 0.33
CA GLN A 121 -5.58 -7.77 -1.09
C GLN A 121 -4.43 -8.75 -1.37
N LEU A 122 -3.35 -8.64 -0.60
CA LEU A 122 -2.20 -9.54 -0.74
C LEU A 122 -2.42 -10.91 -0.14
N ALA A 123 -3.40 -11.04 0.75
CA ALA A 123 -3.53 -12.24 1.54
C ALA A 123 -3.53 -13.50 0.70
N PRO A 124 -4.37 -13.61 -0.34
CA PRO A 124 -4.37 -14.84 -1.13
C PRO A 124 -2.99 -15.17 -1.72
N GLN A 125 -2.38 -14.10 -2.20
N GLN A 125 -2.24 -14.22 -2.28
CA GLN A 125 -1.05 -14.23 -2.78
CA GLN A 125 -0.94 -14.62 -2.81
C GLN A 125 0.05 -14.63 -1.82
C GLN A 125 0.00 -15.06 -1.72
N GLU A 126 -0.17 -14.43 -0.52
CA GLU A 126 0.69 -14.74 0.59
C GLU A 126 0.25 -15.98 1.35
N GLY A 127 -0.78 -16.66 0.87
CA GLY A 127 -1.23 -17.86 1.56
C GLY A 127 -2.00 -17.59 2.85
N MET A 128 -2.49 -16.38 3.07
CA MET A 128 -3.20 -16.02 4.26
C MET A 128 -4.68 -15.89 3.98
N VAL A 129 -5.48 -16.03 5.00
CA VAL A 129 -6.90 -15.75 4.97
C VAL A 129 -7.11 -14.26 5.23
N ALA A 130 -7.89 -13.57 4.42
CA ALA A 130 -8.11 -12.17 4.61
C ALA A 130 -8.92 -11.91 5.89
N ALA A 131 -8.69 -10.71 6.47
CA ALA A 131 -9.55 -10.23 7.52
C ALA A 131 -10.94 -9.92 7.01
N GLN A 132 -11.89 -9.77 7.91
CA GLN A 132 -13.26 -9.40 7.56
C GLN A 132 -13.39 -7.94 7.20
N HIS A 133 -12.54 -7.09 7.71
CA HIS A 133 -12.64 -5.65 7.50
C HIS A 133 -11.30 -5.09 7.09
N SER A 134 -11.35 -4.04 6.26
CA SER A 134 -10.17 -3.37 5.77
C SER A 134 -10.00 -2.00 6.41
N LEU A 135 -8.79 -1.73 6.88
CA LEU A 135 -8.37 -0.42 7.31
C LEU A 135 -7.74 0.32 6.15
N THR A 136 -8.07 1.62 6.05
CA THR A 136 -7.38 2.46 5.06
C THR A 136 -6.74 3.62 5.78
N PHE A 137 -5.82 4.31 5.10
CA PHE A 137 -4.91 5.24 5.72
C PHE A 137 -4.81 6.51 4.91
N ALA A 138 -4.68 7.62 5.63
CA ALA A 138 -4.39 8.92 5.05
C ALA A 138 -2.95 8.97 4.56
N ALA A 139 -2.64 10.02 3.78
CA ALA A 139 -1.29 10.25 3.28
C ALA A 139 -0.28 10.41 4.41
N ASN A 140 -0.71 10.87 5.59
CA ASN A 140 0.17 10.99 6.73
C ASN A 140 0.33 9.71 7.50
N GLY A 141 -0.31 8.62 7.09
CA GLY A 141 -0.14 7.33 7.73
C GLY A 141 -1.23 6.98 8.72
N TRP A 142 -2.01 7.94 9.22
CA TRP A 142 -3.01 7.61 10.23
C TRP A 142 -4.22 6.92 9.62
N VAL A 143 -4.76 5.93 10.37
CA VAL A 143 -5.93 5.22 9.88
C VAL A 143 -7.07 6.22 9.67
N GLU A 144 -7.86 5.97 8.63
CA GLU A 144 -9.10 6.71 8.40
C GLU A 144 -10.09 6.21 9.43
N PRO A 145 -10.56 7.07 10.36
CA PRO A 145 -11.23 6.56 11.54
C PRO A 145 -12.49 5.77 11.28
N ALA A 146 -13.23 6.06 10.24
CA ALA A 146 -14.45 5.31 10.04
C ALA A 146 -14.16 3.85 9.73
N THR A 147 -12.93 3.52 9.29
CA THR A 147 -12.56 2.15 9.00
C THR A 147 -12.11 1.39 10.24
N ALA A 148 -11.94 2.06 11.36
CA ALA A 148 -11.47 1.48 12.62
C ALA A 148 -12.47 1.84 13.70
N PRO A 149 -13.72 1.38 13.59
CA PRO A 149 -14.74 1.76 14.57
C PRO A 149 -14.48 1.09 15.91
N ASN A 150 -14.69 1.88 16.95
CA ASN A 150 -14.67 1.37 18.32
CA ASN A 150 -14.66 1.41 18.33
C ASN A 150 -13.38 0.65 18.65
N PHE A 151 -12.25 1.26 18.27
CA PHE A 151 -10.93 0.68 18.51
C PHE A 151 -10.37 1.00 19.91
N GLY A 152 -11.16 1.70 20.78
CA GLY A 152 -10.69 1.94 22.14
C GLY A 152 -9.34 2.61 22.13
N PRO A 153 -8.34 2.09 22.85
CA PRO A 153 -7.05 2.76 22.91
C PRO A 153 -6.14 2.44 21.75
N LEU A 154 -6.56 1.59 20.80
CA LEU A 154 -5.62 1.24 19.75
C LEU A 154 -5.56 2.32 18.69
N LYS A 155 -4.34 2.80 18.45
CA LYS A 155 -4.11 3.85 17.46
CA LYS A 155 -4.10 3.86 17.49
CA LYS A 155 -4.05 3.88 17.51
C LYS A 155 -3.27 3.29 16.33
N VAL A 156 -3.88 3.13 15.16
CA VAL A 156 -3.28 2.38 14.08
C VAL A 156 -2.64 3.33 13.07
N PHE A 157 -1.38 3.02 12.74
CA PHE A 157 -0.56 3.87 11.89
C PHE A 157 0.14 3.03 10.84
N TYR A 158 0.05 3.48 9.58
CA TYR A 158 0.75 2.87 8.46
C TYR A 158 1.98 3.71 8.18
N PRO A 159 3.19 3.18 8.46
CA PRO A 159 4.39 4.02 8.41
C PRO A 159 5.02 4.11 7.04
N GLY A 160 4.49 3.38 6.07
CA GLY A 160 5.07 3.26 4.76
C GLY A 160 5.70 1.89 4.57
N PRO A 161 6.10 1.56 3.35
CA PRO A 161 6.62 0.22 3.05
C PRO A 161 7.95 0.04 3.74
N GLY A 162 8.17 -1.19 4.24
CA GLY A 162 9.41 -1.48 4.94
C GLY A 162 9.65 -2.98 4.91
N HIS A 163 9.32 -3.64 6.02
CA HIS A 163 9.39 -5.09 6.05
C HIS A 163 8.53 -5.71 4.94
N THR A 164 7.32 -5.16 4.74
CA THR A 164 6.50 -5.43 3.59
C THR A 164 5.87 -4.13 3.16
N SER A 165 5.16 -4.14 2.01
CA SER A 165 4.48 -2.93 1.58
C SER A 165 3.26 -2.63 2.45
N ASP A 166 2.71 -3.63 3.13
CA ASP A 166 1.45 -3.51 3.84
C ASP A 166 1.60 -3.34 5.35
N ASN A 167 2.81 -3.42 5.90
CA ASN A 167 3.01 -3.45 7.34
C ASN A 167 2.37 -2.25 8.04
N ILE A 168 1.65 -2.52 9.12
CA ILE A 168 1.07 -1.46 9.95
C ILE A 168 1.58 -1.63 11.37
N THR A 169 1.33 -0.59 12.17
CA THR A 169 1.82 -0.48 13.54
C THR A 169 0.70 0.01 14.43
N VAL A 170 0.84 -0.17 15.74
CA VAL A 170 -0.23 0.13 16.66
C VAL A 170 0.33 0.73 17.95
N GLY A 171 -0.20 1.86 18.35
CA GLY A 171 0.10 2.42 19.66
C GLY A 171 -1.06 2.15 20.61
N ILE A 172 -0.75 2.06 21.90
N ILE A 172 -0.76 2.06 21.91
CA ILE A 172 -1.77 1.79 22.91
CA ILE A 172 -1.83 1.89 22.89
C ILE A 172 -1.96 3.07 23.73
C ILE A 172 -1.95 3.14 23.71
N ASP A 173 -3.02 3.85 23.42
CA ASP A 173 -3.24 5.13 24.06
C ASP A 173 -3.38 4.93 25.57
N GLY A 174 -2.80 5.87 26.32
CA GLY A 174 -2.88 5.77 27.76
C GLY A 174 -1.75 4.93 28.36
N THR A 175 -0.84 4.40 27.53
CA THR A 175 0.26 3.59 27.99
C THR A 175 1.51 4.13 27.29
N ASP A 176 2.64 3.58 27.69
CA ASP A 176 3.94 3.89 27.11
C ASP A 176 4.29 2.97 25.93
N ILE A 177 3.34 2.14 25.46
CA ILE A 177 3.65 1.04 24.56
C ILE A 177 3.28 1.36 23.13
N ALA A 178 4.17 1.02 22.20
CA ALA A 178 3.81 0.98 20.78
C ALA A 178 4.39 -0.28 20.21
N PHE A 179 3.70 -0.80 19.20
CA PHE A 179 3.98 -2.09 18.59
C PHE A 179 4.40 -1.88 17.14
N GLY A 180 5.63 -2.28 16.86
CA GLY A 180 6.19 -2.13 15.51
C GLY A 180 6.09 -3.39 14.65
N GLY A 181 5.58 -4.49 15.19
CA GLY A 181 5.52 -5.71 14.41
C GLY A 181 6.84 -6.12 13.85
N CYS A 182 6.85 -6.59 12.62
CA CYS A 182 8.08 -7.08 12.02
C CYS A 182 8.93 -5.97 11.38
N LEU A 183 8.41 -4.74 11.36
CA LEU A 183 9.16 -3.61 10.84
C LEU A 183 10.38 -3.33 11.72
N ILE A 184 10.19 -3.35 13.04
CA ILE A 184 11.19 -2.92 13.99
C ILE A 184 11.93 -4.14 14.53
N LYS A 185 13.25 -4.01 14.59
CA LYS A 185 14.14 -5.03 15.14
C LYS A 185 14.82 -4.48 16.41
N ASP A 186 15.34 -5.38 17.26
CA ASP A 186 15.88 -4.90 18.50
C ASP A 186 17.20 -4.14 18.28
N SER A 187 17.53 -3.37 19.31
CA SER A 187 18.63 -2.43 19.20
C SER A 187 20.01 -3.09 19.15
N LYS A 188 20.15 -4.42 19.31
CA LYS A 188 21.44 -5.09 19.18
C LYS A 188 21.46 -5.89 17.91
N ALA A 189 20.37 -5.81 17.11
CA ALA A 189 20.25 -6.72 15.98
C ALA A 189 21.38 -6.45 15.00
N LYS A 190 21.73 -7.53 14.31
CA LYS A 190 22.75 -7.43 13.27
CA LYS A 190 22.76 -7.53 13.28
CA LYS A 190 22.76 -7.54 13.28
C LYS A 190 22.12 -7.42 11.90
N SER A 191 20.81 -7.71 11.80
CA SER A 191 20.19 -7.59 10.48
C SER A 191 18.71 -7.30 10.67
N LEU A 192 18.07 -7.03 9.52
CA LEU A 192 16.66 -6.71 9.51
C LEU A 192 15.82 -7.96 9.25
N GLY A 193 16.36 -9.15 9.43
CA GLY A 193 15.48 -10.31 9.44
C GLY A 193 15.09 -10.71 8.04
N ASN A 194 13.82 -11.10 7.87
CA ASN A 194 13.33 -11.63 6.61
C ASN A 194 13.01 -10.43 5.70
N LEU A 195 13.86 -10.19 4.69
CA LEU A 195 13.72 -9.06 3.76
C LEU A 195 13.12 -9.50 2.45
N GLY A 196 12.60 -10.73 2.41
CA GLY A 196 12.16 -11.30 1.14
C GLY A 196 11.08 -10.47 0.44
N ASP A 197 10.24 -9.75 1.20
CA ASP A 197 9.15 -8.96 0.65
C ASP A 197 9.36 -7.47 0.95
N ALA A 198 10.57 -7.12 1.37
CA ALA A 198 10.82 -5.77 1.87
C ALA A 198 11.00 -4.74 0.75
N ASP A 199 10.75 -3.48 1.13
CA ASP A 199 11.04 -2.35 0.29
C ASP A 199 12.32 -1.74 0.86
N THR A 200 13.45 -2.04 0.23
CA THR A 200 14.73 -1.64 0.77
C THR A 200 14.96 -0.13 0.66
N GLU A 201 14.36 0.53 -0.31
CA GLU A 201 14.57 1.95 -0.46
C GLU A 201 13.87 2.74 0.64
N HIS A 202 12.61 2.36 0.94
CA HIS A 202 11.76 3.17 1.80
C HIS A 202 11.81 2.75 3.27
N TYR A 203 12.47 1.62 3.56
CA TYR A 203 12.42 1.02 4.89
C TYR A 203 12.84 2.03 5.97
N ALA A 204 14.00 2.69 5.77
CA ALA A 204 14.51 3.55 6.84
C ALA A 204 13.50 4.65 7.19
N ALA A 205 12.94 5.29 6.16
CA ALA A 205 11.96 6.35 6.38
C ALA A 205 10.75 5.79 7.09
N SER A 206 10.30 4.59 6.74
CA SER A 206 9.14 4.02 7.40
C SER A 206 9.40 3.74 8.88
N ALA A 207 10.61 3.23 9.20
CA ALA A 207 10.95 3.03 10.60
C ALA A 207 10.91 4.36 11.37
N ARG A 208 11.51 5.39 10.76
CA ARG A 208 11.51 6.69 11.42
C ARG A 208 10.08 7.25 11.54
N ALA A 209 9.22 6.99 10.55
CA ALA A 209 7.85 7.49 10.61
C ALA A 209 7.09 6.85 11.77
N PHE A 210 7.32 5.55 12.00
CA PHE A 210 6.75 4.89 13.18
C PHE A 210 7.16 5.60 14.47
N GLY A 211 8.46 5.91 14.61
CA GLY A 211 8.89 6.61 15.79
C GLY A 211 8.23 7.95 15.94
N ALA A 212 8.08 8.69 14.85
CA ALA A 212 7.47 10.02 14.93
C ALA A 212 5.96 9.95 15.20
N ALA A 213 5.31 8.86 14.79
CA ALA A 213 3.88 8.70 15.04
C ALA A 213 3.59 8.52 16.51
N PHE A 214 4.49 7.87 17.26
CA PHE A 214 4.29 7.54 18.66
C PHE A 214 5.45 8.11 19.45
N PRO A 215 5.61 9.44 19.48
CA PRO A 215 6.86 10.06 19.91
C PRO A 215 7.17 9.90 21.37
N LYS A 216 6.18 9.60 22.17
CA LYS A 216 6.32 9.46 23.63
C LYS A 216 6.36 8.01 24.05
N ALA A 217 6.15 7.05 23.13
CA ALA A 217 6.19 5.64 23.54
C ALA A 217 7.59 5.28 23.97
N SER A 218 7.73 4.66 25.11
CA SER A 218 9.05 4.29 25.64
C SER A 218 9.29 2.79 25.65
N MET A 219 8.23 1.99 25.50
CA MET A 219 8.36 0.56 25.42
C MET A 219 7.95 0.16 24.00
N ILE A 220 8.90 -0.31 23.21
CA ILE A 220 8.64 -0.67 21.83
C ILE A 220 8.61 -2.19 21.75
N VAL A 221 7.43 -2.71 21.42
CA VAL A 221 7.21 -4.13 21.30
C VAL A 221 7.35 -4.47 19.81
N MET A 222 7.90 -5.62 19.52
CA MET A 222 8.17 -6.01 18.13
C MET A 222 8.01 -7.51 17.98
N SER A 223 7.98 -7.97 16.73
CA SER A 223 7.64 -9.38 16.54
C SER A 223 8.68 -10.36 17.04
N HIS A 224 9.98 -10.06 16.88
CA HIS A 224 10.97 -11.13 17.01
C HIS A 224 12.01 -10.90 18.09
N SER A 225 11.80 -9.98 18.99
CA SER A 225 12.68 -9.77 20.13
C SER A 225 11.81 -9.32 21.27
N ALA A 226 12.38 -9.37 22.50
CA ALA A 226 11.69 -8.86 23.67
C ALA A 226 11.49 -7.34 23.56
N PRO A 227 10.60 -6.77 24.34
CA PRO A 227 10.38 -5.34 24.26
C PRO A 227 11.68 -4.59 24.50
N ASP A 228 11.83 -3.47 23.82
CA ASP A 228 13.03 -2.65 23.89
C ASP A 228 12.62 -1.22 24.17
N SER A 229 13.61 -0.35 24.31
CA SER A 229 13.40 1.08 24.35
C SER A 229 13.24 1.64 22.93
N ARG A 230 13.16 2.96 22.84
CA ARG A 230 13.14 3.61 21.54
C ARG A 230 14.42 3.39 20.73
N ALA A 231 15.51 2.93 21.39
CA ALA A 231 16.71 2.60 20.69
C ALA A 231 16.42 1.63 19.53
N ALA A 232 15.43 0.76 19.67
CA ALA A 232 15.13 -0.19 18.60
C ALA A 232 14.77 0.54 17.32
N ILE A 233 14.04 1.64 17.44
CA ILE A 233 13.57 2.40 16.28
C ILE A 233 14.74 3.00 15.52
N THR A 234 15.59 3.72 16.27
CA THR A 234 16.71 4.40 15.65
C THR A 234 17.74 3.40 15.14
N HIS A 235 17.94 2.28 15.85
CA HIS A 235 18.85 1.27 15.38
C HIS A 235 18.33 0.62 14.08
N THR A 236 17.04 0.27 14.09
CA THR A 236 16.42 -0.26 12.88
C THR A 236 16.65 0.66 11.68
N ALA A 237 16.36 1.93 11.90
CA ALA A 237 16.49 2.89 10.80
C ALA A 237 17.94 2.99 10.30
N ARG A 238 18.91 2.96 11.25
CA ARG A 238 20.31 3.03 10.88
C ARG A 238 20.71 1.82 10.03
N MET A 239 20.25 0.64 10.41
CA MET A 239 20.52 -0.53 9.60
C MET A 239 19.88 -0.41 8.23
N ALA A 240 18.62 0.06 8.20
CA ALA A 240 17.88 0.19 6.97
C ALA A 240 18.52 1.22 6.04
N ASP A 241 19.17 2.25 6.58
CA ASP A 241 19.84 3.23 5.73
C ASP A 241 20.89 2.58 4.84
N LYS A 242 21.47 1.49 5.28
CA LYS A 242 22.53 0.85 4.51
C LYS A 242 21.97 -0.05 3.40
N LEU A 243 20.66 -0.26 3.31
CA LEU A 243 20.06 -1.05 2.21
C LEU A 243 19.92 -0.19 0.95
N ARG A 244 19.97 1.14 1.10
CA ARG A 244 19.52 2.09 0.09
C ARG A 244 20.51 2.21 -1.06
N MET B 13 6.71 11.11 -34.21
CA MET B 13 5.27 11.40 -34.47
C MET B 13 4.72 10.51 -35.58
N GLU B 14 3.42 10.20 -35.50
CA GLU B 14 2.71 9.50 -36.57
C GLU B 14 1.46 10.26 -36.99
N THR B 15 0.91 9.93 -38.16
CA THR B 15 -0.37 10.45 -38.62
C THR B 15 -1.40 10.35 -37.47
N GLY B 16 -2.16 11.43 -37.23
CA GLY B 16 -3.16 11.51 -36.17
C GLY B 16 -2.61 12.26 -34.95
N ASP B 17 -1.32 12.45 -34.94
CA ASP B 17 -0.70 13.16 -33.84
C ASP B 17 -0.74 14.66 -34.14
N GLN B 18 -0.95 15.48 -33.11
CA GLN B 18 -0.88 16.93 -33.18
C GLN B 18 0.28 17.37 -32.29
N ARG B 19 1.19 18.13 -32.84
CA ARG B 19 2.28 18.69 -32.03
C ARG B 19 1.87 20.05 -31.52
N PHE B 20 2.12 20.31 -30.25
CA PHE B 20 1.80 21.58 -29.61
C PHE B 20 2.94 21.85 -28.66
N GLY B 21 3.79 22.85 -29.00
CA GLY B 21 5.09 22.98 -28.38
C GLY B 21 5.84 21.68 -28.52
N ASP B 22 6.38 21.25 -27.40
CA ASP B 22 7.10 20.00 -27.40
C ASP B 22 6.25 18.82 -26.95
N LEU B 23 4.93 18.97 -26.92
CA LEU B 23 4.06 17.84 -26.59
C LEU B 23 3.35 17.33 -27.80
N VAL B 24 2.85 16.11 -27.70
CA VAL B 24 2.06 15.51 -28.76
C VAL B 24 0.74 15.02 -28.19
N PHE B 25 -0.34 15.24 -28.93
CA PHE B 25 -1.66 14.85 -28.53
C PHE B 25 -2.26 13.97 -29.61
N ARG B 26 -3.00 12.95 -29.22
CA ARG B 26 -3.64 12.05 -30.17
C ARG B 26 -5.04 11.74 -29.68
N GLN B 27 -6.04 11.95 -30.53
CA GLN B 27 -7.39 11.63 -30.10
C GLN B 27 -7.61 10.11 -30.22
N LEU B 28 -8.12 9.51 -29.14
CA LEU B 28 -8.38 8.06 -29.08
C LEU B 28 -9.85 7.73 -29.20
N ALA B 29 -10.71 8.65 -28.84
CA ALA B 29 -12.18 8.44 -28.88
C ALA B 29 -12.77 9.83 -28.91
N PRO B 30 -14.09 9.97 -29.14
CA PRO B 30 -14.67 11.31 -29.19
C PRO B 30 -14.33 12.18 -27.98
N ASN B 31 -14.26 11.58 -26.80
CA ASN B 31 -14.01 12.33 -25.57
C ASN B 31 -12.68 12.00 -24.91
N VAL B 32 -11.76 11.35 -25.61
CA VAL B 32 -10.51 10.92 -24.97
C VAL B 32 -9.32 11.22 -25.86
N TRP B 33 -8.28 11.80 -25.26
CA TRP B 33 -7.02 12.06 -25.95
C TRP B 33 -5.88 11.53 -25.12
N GLN B 34 -4.81 11.11 -25.80
CA GLN B 34 -3.55 10.78 -25.15
C GLN B 34 -2.63 11.98 -25.21
N HIS B 35 -2.05 12.37 -24.08
CA HIS B 35 -0.99 13.39 -24.06
C HIS B 35 0.34 12.68 -23.96
N THR B 36 1.35 13.25 -24.65
CA THR B 36 2.69 12.69 -24.63
C THR B 36 3.67 13.80 -24.44
N SER B 37 4.59 13.58 -23.49
CA SER B 37 5.69 14.51 -23.22
C SER B 37 7.00 13.73 -23.20
N TYR B 38 8.11 14.46 -23.32
CA TYR B 38 9.38 13.80 -23.58
C TYR B 38 10.42 14.29 -22.60
N LEU B 39 11.28 13.38 -22.20
CA LEU B 39 12.43 13.74 -21.39
C LEU B 39 13.66 13.11 -22.03
N ASP B 40 14.67 13.92 -22.27
CA ASP B 40 15.87 13.40 -22.96
C ASP B 40 16.60 12.44 -22.06
N MET B 41 16.89 11.26 -22.60
CA MET B 41 17.69 10.24 -21.89
C MET B 41 18.75 9.65 -22.82
N GLY B 45 16.74 8.22 -26.67
CA GLY B 45 16.89 9.68 -26.87
C GLY B 45 15.86 10.43 -26.03
N ALA B 46 14.91 11.08 -26.70
CA ALA B 46 13.77 11.68 -26.02
C ALA B 46 12.75 10.59 -25.68
N VAL B 47 12.50 10.41 -24.38
CA VAL B 47 11.68 9.31 -23.89
C VAL B 47 10.28 9.79 -23.63
N ALA B 48 9.36 9.16 -24.32
CA ALA B 48 7.97 9.52 -24.21
C ALA B 48 7.35 9.00 -22.93
N SER B 49 6.44 9.80 -22.37
CA SER B 49 5.52 9.32 -21.35
C SER B 49 4.12 9.79 -21.76
N ASN B 50 3.15 8.88 -21.65
CA ASN B 50 1.79 9.16 -22.04
C ASN B 50 0.88 9.25 -20.82
N GLY B 51 -0.11 10.13 -20.92
CA GLY B 51 -1.27 10.18 -20.02
C GLY B 51 -2.54 10.39 -20.83
N LEU B 52 -3.63 10.70 -20.14
CA LEU B 52 -4.91 10.85 -20.79
C LEU B 52 -5.58 12.19 -20.45
N ILE B 53 -6.46 12.61 -21.35
CA ILE B 53 -7.32 13.77 -21.18
C ILE B 53 -8.71 13.27 -21.51
N VAL B 54 -9.69 13.53 -20.67
CA VAL B 54 -11.05 13.06 -20.88
C VAL B 54 -12.02 14.20 -20.74
N ARG B 55 -12.89 14.36 -21.76
CA ARG B 55 -13.97 15.33 -21.67
C ARG B 55 -15.19 14.63 -21.10
N ASP B 56 -15.79 15.19 -20.06
CA ASP B 56 -16.95 14.64 -19.39
C ASP B 56 -17.95 15.76 -19.18
N GLY B 57 -18.98 15.88 -20.02
CA GLY B 57 -19.91 16.99 -19.93
C GLY B 57 -19.19 18.32 -20.10
N GLY B 58 -19.37 19.24 -19.18
CA GLY B 58 -18.75 20.53 -19.23
C GLY B 58 -17.40 20.57 -18.56
N ARG B 59 -16.76 19.44 -18.30
N ARG B 59 -16.75 19.43 -18.33
CA ARG B 59 -15.44 19.50 -17.60
CA ARG B 59 -15.47 19.39 -17.57
C ARG B 59 -14.45 18.49 -18.19
C ARG B 59 -14.43 18.58 -18.35
N VAL B 60 -13.15 18.81 -18.01
CA VAL B 60 -12.07 17.95 -18.47
C VAL B 60 -11.40 17.36 -17.25
N LEU B 61 -11.01 16.10 -17.39
CA LEU B 61 -10.33 15.34 -16.36
C LEU B 61 -9.00 14.87 -16.93
N VAL B 62 -7.92 14.96 -16.17
CA VAL B 62 -6.59 14.57 -16.64
C VAL B 62 -6.09 13.38 -15.86
N VAL B 63 -5.44 12.44 -16.57
CA VAL B 63 -4.73 11.34 -15.94
C VAL B 63 -3.24 11.51 -16.25
N ASP B 64 -2.45 11.73 -15.19
CA ASP B 64 -1.01 11.88 -15.14
C ASP B 64 -0.58 13.29 -15.57
N THR B 65 0.47 13.79 -14.91
CA THR B 65 1.11 14.98 -15.41
C THR B 65 2.07 14.61 -16.54
N ALA B 66 2.71 15.63 -17.11
CA ALA B 66 3.89 15.43 -17.95
C ALA B 66 5.13 15.29 -17.03
N TRP B 67 6.32 15.12 -17.65
CA TRP B 67 7.55 14.99 -16.88
C TRP B 67 7.85 16.24 -16.05
N THR B 68 7.47 17.40 -16.54
CA THR B 68 7.87 18.66 -15.91
C THR B 68 6.67 19.57 -15.75
N ASP B 69 6.83 20.56 -14.87
CA ASP B 69 5.85 21.61 -14.69
C ASP B 69 5.59 22.38 -15.99
N ASP B 70 6.68 22.76 -16.69
CA ASP B 70 6.47 23.56 -17.89
C ASP B 70 5.68 22.76 -18.94
N GLN B 71 5.98 21.46 -19.07
CA GLN B 71 5.21 20.63 -20.03
C GLN B 71 3.77 20.51 -19.58
N THR B 72 3.54 20.35 -18.27
CA THR B 72 2.19 20.20 -17.77
C THR B 72 1.37 21.47 -18.00
N ALA B 73 2.00 22.63 -17.83
CA ALA B 73 1.33 23.88 -18.18
C ALA B 73 0.89 23.87 -19.66
N GLN B 74 1.71 23.33 -20.51
CA GLN B 74 1.34 23.23 -21.93
C GLN B 74 0.18 22.29 -22.15
N ILE B 75 0.05 21.20 -21.35
CA ILE B 75 -1.15 20.39 -21.45
C ILE B 75 -2.38 21.25 -21.19
N LEU B 76 -2.31 22.09 -20.14
CA LEU B 76 -3.43 22.95 -19.82
C LEU B 76 -3.73 23.94 -20.93
N ASN B 77 -2.69 24.48 -21.56
CA ASN B 77 -2.88 25.38 -22.69
C ASN B 77 -3.55 24.66 -23.87
N TRP B 78 -3.11 23.45 -24.18
CA TRP B 78 -3.70 22.69 -25.26
C TRP B 78 -5.18 22.43 -24.98
N ILE B 79 -5.49 22.06 -23.74
CA ILE B 79 -6.89 21.79 -23.40
C ILE B 79 -7.71 23.06 -23.64
N LYS B 80 -7.21 24.23 -23.23
CA LYS B 80 -7.92 25.47 -23.44
C LYS B 80 -8.22 25.67 -24.92
N GLN B 81 -7.24 25.44 -25.76
CA GLN B 81 -7.41 25.69 -27.20
C GLN B 81 -8.31 24.65 -27.85
N GLU B 82 -8.09 23.36 -27.53
CA GLU B 82 -8.77 22.34 -28.32
C GLU B 82 -10.11 21.91 -27.75
N ILE B 83 -10.32 22.07 -26.46
CA ILE B 83 -11.52 21.62 -25.78
C ILE B 83 -12.27 22.81 -25.20
N ASN B 84 -11.55 23.74 -24.58
CA ASN B 84 -12.16 24.95 -24.05
C ASN B 84 -13.21 24.68 -22.97
N LEU B 85 -12.88 23.73 -22.08
CA LEU B 85 -13.67 23.45 -20.90
C LEU B 85 -12.72 23.46 -19.71
N PRO B 86 -13.20 23.78 -18.51
CA PRO B 86 -12.29 23.82 -17.38
C PRO B 86 -11.85 22.42 -16.95
N VAL B 87 -10.63 22.36 -16.45
CA VAL B 87 -10.06 21.13 -15.92
C VAL B 87 -10.50 20.99 -14.48
N ALA B 88 -11.34 20.00 -14.21
CA ALA B 88 -11.92 19.85 -12.89
C ALA B 88 -11.03 19.09 -11.94
N LEU B 89 -10.19 18.17 -12.43
CA LEU B 89 -9.36 17.36 -11.53
C LEU B 89 -8.31 16.65 -12.36
N ALA B 90 -7.27 16.19 -11.68
CA ALA B 90 -6.29 15.31 -12.25
C ALA B 90 -6.06 14.18 -11.27
N VAL B 91 -5.82 12.99 -11.80
CA VAL B 91 -5.48 11.74 -11.10
CA VAL B 91 -5.35 11.91 -10.95
C VAL B 91 -4.07 11.38 -11.55
N VAL B 92 -3.14 11.10 -10.65
CA VAL B 92 -1.79 10.71 -11.05
C VAL B 92 -1.56 9.26 -10.55
N THR B 93 -0.83 8.48 -11.36
CA THR B 93 -0.89 7.03 -11.19
C THR B 93 0.24 6.41 -10.41
N HIS B 94 1.29 7.14 -10.05
CA HIS B 94 2.20 6.74 -8.98
C HIS B 94 3.21 7.88 -8.81
N ALA B 95 4.02 7.79 -7.74
CA ALA B 95 4.95 8.83 -7.36
C ALA B 95 6.29 8.68 -8.04
N HIS B 96 6.34 8.90 -9.35
CA HIS B 96 7.56 8.97 -10.13
C HIS B 96 7.41 10.17 -11.09
N GLN B 97 8.54 10.65 -11.61
CA GLN B 97 8.58 11.90 -12.34
C GLN B 97 7.66 11.94 -13.56
N ASP B 98 7.62 10.85 -14.33
CA ASP B 98 6.81 10.87 -15.54
C ASP B 98 5.33 11.08 -15.27
N LYS B 99 4.88 10.70 -14.09
CA LYS B 99 3.46 10.74 -13.73
C LYS B 99 3.09 11.89 -12.82
N MET B 100 4.07 12.36 -12.04
N MET B 100 4.04 12.35 -12.00
CA MET B 100 3.79 13.38 -10.99
CA MET B 100 3.71 13.44 -11.03
C MET B 100 4.79 14.55 -11.04
C MET B 100 4.77 14.55 -11.05
N GLY B 101 5.66 14.58 -12.05
CA GLY B 101 6.62 15.64 -12.09
C GLY B 101 6.07 17.03 -12.31
N GLY B 102 4.84 17.13 -12.78
CA GLY B 102 4.24 18.41 -13.11
C GLY B 102 3.15 18.85 -12.15
N MET B 103 3.17 18.33 -10.92
N MET B 103 3.15 18.33 -10.90
CA MET B 103 2.15 18.65 -9.94
CA MET B 103 2.11 18.70 -9.95
C MET B 103 2.03 20.16 -9.68
C MET B 103 2.01 20.20 -9.72
N ASP B 104 3.16 20.87 -9.62
CA ASP B 104 3.11 22.30 -9.32
C ASP B 104 2.32 23.06 -10.36
N ALA B 105 2.40 22.68 -11.64
CA ALA B 105 1.62 23.39 -12.65
C ALA B 105 0.13 23.25 -12.39
N LEU B 106 -0.29 22.05 -11.93
CA LEU B 106 -1.71 21.83 -11.67
C LEU B 106 -2.14 22.67 -10.47
N HIS B 107 -1.32 22.61 -9.39
CA HIS B 107 -1.66 23.36 -8.20
C HIS B 107 -1.62 24.86 -8.43
N ALA B 108 -0.71 25.32 -9.25
CA ALA B 108 -0.66 26.75 -9.57
C ALA B 108 -1.97 27.20 -10.20
N ALA B 109 -2.60 26.33 -10.99
CA ALA B 109 -3.82 26.60 -11.74
C ALA B 109 -5.05 26.32 -10.90
N GLY B 110 -4.90 25.90 -9.68
CA GLY B 110 -6.06 25.68 -8.82
C GLY B 110 -6.79 24.37 -9.09
N ILE B 111 -6.13 23.41 -9.76
CA ILE B 111 -6.76 22.15 -10.13
C ILE B 111 -6.64 21.13 -9.00
N ALA B 112 -7.76 20.53 -8.60
CA ALA B 112 -7.75 19.51 -7.57
C ALA B 112 -7.03 18.27 -8.06
N THR B 113 -6.11 17.76 -7.24
CA THR B 113 -5.32 16.61 -7.64
C THR B 113 -5.50 15.45 -6.67
N TYR B 114 -5.41 14.25 -7.22
CA TYR B 114 -5.70 13.02 -6.53
C TYR B 114 -4.63 12.01 -6.81
N ALA B 115 -4.26 11.23 -5.82
CA ALA B 115 -3.33 10.10 -6.00
C ALA B 115 -3.66 9.08 -4.94
N ASN B 116 -3.22 7.83 -5.16
CA ASN B 116 -3.22 6.85 -4.08
C ASN B 116 -2.64 7.50 -2.81
N ALA B 117 -3.26 7.27 -1.66
CA ALA B 117 -2.68 7.73 -0.39
C ALA B 117 -1.21 7.35 -0.29
N LEU B 118 -0.86 6.13 -0.69
CA LEU B 118 0.53 5.69 -0.59
C LEU B 118 1.42 6.51 -1.54
N SER B 119 0.92 6.87 -2.73
CA SER B 119 1.71 7.77 -3.58
C SER B 119 2.01 9.09 -2.88
N ASN B 120 1.01 9.65 -2.22
CA ASN B 120 1.21 10.91 -1.51
C ASN B 120 2.18 10.74 -0.34
N GLN B 121 2.11 9.60 0.36
CA GLN B 121 3.01 9.33 1.45
C GLN B 121 4.45 9.16 0.94
N LEU B 122 4.65 8.53 -0.20
CA LEU B 122 5.96 8.31 -0.78
C LEU B 122 6.49 9.55 -1.50
N ALA B 123 5.62 10.48 -1.88
CA ALA B 123 6.02 11.59 -2.76
C ALA B 123 7.29 12.29 -2.29
N PRO B 124 7.40 12.71 -1.03
CA PRO B 124 8.62 13.41 -0.66
C PRO B 124 9.88 12.57 -0.87
N GLN B 125 9.76 11.30 -0.49
N GLN B 125 9.93 11.26 -0.54
CA GLN B 125 10.87 10.37 -0.64
CA GLN B 125 11.16 10.51 -0.77
C GLN B 125 11.26 10.12 -2.10
C GLN B 125 11.43 10.35 -2.23
N GLU B 126 10.33 10.35 -3.02
CA GLU B 126 10.53 10.19 -4.45
C GLU B 126 10.79 11.53 -5.14
N GLY B 127 10.89 12.61 -4.40
CA GLY B 127 11.19 13.90 -5.00
C GLY B 127 9.99 14.53 -5.69
N MET B 128 8.76 14.08 -5.39
CA MET B 128 7.55 14.58 -6.00
C MET B 128 6.77 15.45 -5.03
N VAL B 129 5.98 16.37 -5.56
CA VAL B 129 5.01 17.12 -4.77
C VAL B 129 3.78 16.26 -4.62
N ALA B 130 3.31 16.09 -3.39
CA ALA B 130 2.09 15.29 -3.16
C ALA B 130 0.86 15.94 -3.77
N ALA B 131 -0.09 15.10 -4.18
CA ALA B 131 -1.40 15.56 -4.60
C ALA B 131 -2.14 16.12 -3.37
N GLN B 132 -3.21 16.88 -3.65
CA GLN B 132 -4.01 17.48 -2.61
C GLN B 132 -4.91 16.50 -1.92
N HIS B 133 -5.28 15.38 -2.56
CA HIS B 133 -6.27 14.46 -2.03
C HIS B 133 -5.74 13.06 -2.24
N SER B 134 -6.17 12.17 -1.36
CA SER B 134 -5.73 10.77 -1.35
C SER B 134 -6.86 9.82 -1.63
N LEU B 135 -6.64 8.89 -2.55
CA LEU B 135 -7.53 7.78 -2.84
C LEU B 135 -7.19 6.62 -1.93
N THR B 136 -8.24 5.92 -1.49
CA THR B 136 -8.06 4.64 -0.80
C THR B 136 -8.82 3.57 -1.55
N PHE B 137 -8.50 2.32 -1.22
CA PHE B 137 -8.94 1.19 -2.02
C PHE B 137 -9.53 0.09 -1.14
N ALA B 138 -10.51 -0.59 -1.71
CA ALA B 138 -11.05 -1.81 -1.12
C ALA B 138 -10.04 -2.94 -1.24
N ALA B 139 -10.34 -4.03 -0.52
CA ALA B 139 -9.50 -5.22 -0.57
C ALA B 139 -9.48 -5.86 -1.95
N ASN B 140 -10.49 -5.62 -2.78
CA ASN B 140 -10.52 -6.14 -4.12
C ASN B 140 -9.88 -5.20 -5.14
N GLY B 141 -9.31 -4.09 -4.68
CA GLY B 141 -8.59 -3.17 -5.57
C GLY B 141 -9.38 -1.96 -6.04
N TRP B 142 -10.71 -2.02 -6.04
CA TRP B 142 -11.46 -0.88 -6.53
C TRP B 142 -11.35 0.31 -5.57
N VAL B 143 -11.27 1.49 -6.14
CA VAL B 143 -11.24 2.69 -5.31
C VAL B 143 -12.46 2.73 -4.41
N GLU B 144 -12.28 3.25 -3.20
CA GLU B 144 -13.38 3.59 -2.30
C GLU B 144 -14.05 4.83 -2.87
N PRO B 145 -15.33 4.73 -3.28
CA PRO B 145 -15.91 5.85 -4.02
C PRO B 145 -15.99 7.16 -3.26
N ALA B 146 -16.03 7.15 -1.93
CA ALA B 146 -16.08 8.39 -1.21
C ALA B 146 -14.80 9.17 -1.39
N THR B 147 -13.70 8.50 -1.79
CA THR B 147 -12.40 9.14 -1.98
C THR B 147 -12.19 9.59 -3.41
N ALA B 148 -13.13 9.33 -4.31
CA ALA B 148 -12.99 9.71 -5.72
C ALA B 148 -14.17 10.60 -6.10
N PRO B 149 -14.27 11.79 -5.51
CA PRO B 149 -15.46 12.64 -5.72
C PRO B 149 -15.54 13.13 -7.16
N ASN B 150 -16.72 12.94 -7.76
CA ASN B 150 -16.99 13.51 -9.08
C ASN B 150 -15.97 13.06 -10.13
N PHE B 151 -15.55 11.80 -10.05
CA PHE B 151 -14.60 11.26 -11.00
C PHE B 151 -15.25 10.94 -12.35
N GLY B 152 -16.59 11.04 -12.49
CA GLY B 152 -17.20 10.87 -13.80
C GLY B 152 -16.84 9.50 -14.36
N PRO B 153 -16.33 9.45 -15.57
CA PRO B 153 -16.05 8.19 -16.20
C PRO B 153 -14.76 7.53 -15.68
N LEU B 154 -13.94 8.21 -14.88
CA LEU B 154 -12.69 7.58 -14.45
C LEU B 154 -13.00 6.51 -13.44
N LYS B 155 -12.59 5.30 -13.69
CA LYS B 155 -12.86 4.13 -12.84
C LYS B 155 -11.50 3.64 -12.35
N VAL B 156 -11.15 3.98 -11.11
CA VAL B 156 -9.79 3.80 -10.62
C VAL B 156 -9.66 2.45 -9.90
N PHE B 157 -8.59 1.72 -10.25
CA PHE B 157 -8.35 0.39 -9.73
C PHE B 157 -6.89 0.27 -9.30
N TYR B 158 -6.67 -0.20 -8.08
CA TYR B 158 -5.35 -0.53 -7.57
C TYR B 158 -5.12 -2.02 -7.77
N PRO B 159 -4.20 -2.41 -8.68
CA PRO B 159 -4.07 -3.80 -9.06
C PRO B 159 -3.23 -4.63 -8.14
N GLY B 160 -2.53 -3.99 -7.22
CA GLY B 160 -1.51 -4.63 -6.42
C GLY B 160 -0.15 -4.09 -6.79
N PRO B 161 0.87 -4.39 -5.97
CA PRO B 161 2.21 -3.87 -6.24
C PRO B 161 2.79 -4.46 -7.51
N GLY B 162 3.51 -3.64 -8.26
CA GLY B 162 4.09 -4.13 -9.51
C GLY B 162 5.24 -3.24 -9.92
N HIS B 163 5.03 -2.35 -10.87
CA HIS B 163 6.03 -1.36 -11.21
C HIS B 163 6.52 -0.60 -9.98
N THR B 164 5.55 -0.21 -9.14
CA THR B 164 5.82 0.30 -7.80
C THR B 164 4.77 -0.27 -6.87
N SER B 165 4.95 0.00 -5.57
N SER B 165 4.92 -0.10 -5.55
CA SER B 165 3.95 -0.44 -4.60
CA SER B 165 3.87 -0.57 -4.66
C SER B 165 2.64 0.37 -4.67
C SER B 165 2.62 0.31 -4.76
N ASP B 166 2.74 1.55 -5.24
CA ASP B 166 1.62 2.50 -5.21
C ASP B 166 0.90 2.61 -6.56
N ASN B 167 1.34 1.91 -7.60
CA ASN B 167 0.79 2.11 -8.93
C ASN B 167 -0.71 1.87 -8.97
N ILE B 168 -1.43 2.78 -9.65
CA ILE B 168 -2.86 2.61 -9.88
C ILE B 168 -3.13 2.66 -11.37
N THR B 169 -4.33 2.24 -11.75
CA THR B 169 -4.76 2.12 -13.12
C THR B 169 -6.14 2.74 -13.25
N VAL B 170 -6.56 3.07 -14.48
CA VAL B 170 -7.79 3.85 -14.65
C VAL B 170 -8.51 3.37 -15.88
N GLY B 171 -9.75 2.93 -15.75
CA GLY B 171 -10.60 2.67 -16.88
C GLY B 171 -11.37 3.92 -17.25
N ILE B 172 -11.68 4.07 -18.54
CA ILE B 172 -12.49 5.21 -18.95
C ILE B 172 -13.88 4.69 -19.31
N ASP B 173 -14.77 4.80 -18.35
CA ASP B 173 -16.09 4.25 -18.51
C ASP B 173 -16.76 4.91 -19.71
N GLY B 174 -17.57 4.11 -20.42
CA GLY B 174 -18.24 4.53 -21.62
C GLY B 174 -17.40 4.44 -22.89
N THR B 175 -16.17 3.93 -22.74
CA THR B 175 -15.28 3.75 -23.84
C THR B 175 -14.71 2.34 -23.64
N ASP B 176 -13.98 1.87 -24.61
CA ASP B 176 -13.29 0.60 -24.36
C ASP B 176 -11.81 0.81 -24.09
N ILE B 177 -11.46 1.93 -23.44
CA ILE B 177 -10.09 2.26 -23.11
C ILE B 177 -9.84 2.01 -21.63
N ALA B 178 -8.65 1.43 -21.34
CA ALA B 178 -8.17 1.33 -19.96
C ALA B 178 -6.71 1.71 -19.98
N PHE B 179 -6.26 2.40 -18.91
CA PHE B 179 -4.92 2.93 -18.81
C PHE B 179 -4.16 2.18 -17.74
N GLY B 180 -3.08 1.53 -18.16
CA GLY B 180 -2.23 0.75 -17.28
C GLY B 180 -1.04 1.51 -16.73
N GLY B 181 -0.77 2.75 -17.16
CA GLY B 181 0.37 3.50 -16.70
C GLY B 181 1.65 2.76 -16.95
N CYS B 182 2.57 2.79 -16.02
CA CYS B 182 3.86 2.17 -16.24
C CYS B 182 3.86 0.70 -15.85
N LEU B 183 2.73 0.19 -15.33
CA LEU B 183 2.64 -1.23 -15.02
C LEU B 183 2.70 -2.10 -16.27
N ILE B 184 1.96 -1.69 -17.30
CA ILE B 184 1.77 -2.48 -18.51
C ILE B 184 2.73 -1.97 -19.57
N LYS B 185 3.36 -2.93 -20.27
CA LYS B 185 4.22 -2.67 -21.41
C LYS B 185 3.57 -3.28 -22.65
N ASP B 186 3.84 -2.78 -23.85
N ASP B 186 4.06 -2.84 -23.81
CA ASP B 186 3.11 -3.35 -24.97
CA ASP B 186 3.36 -3.31 -24.99
C ASP B 186 3.69 -4.72 -25.30
C ASP B 186 3.77 -4.73 -25.33
N SER B 187 2.97 -5.33 -26.22
CA SER B 187 3.19 -6.74 -26.53
C SER B 187 4.50 -6.97 -27.27
N LYS B 188 5.14 -5.94 -27.79
CA LYS B 188 6.42 -6.04 -28.49
C LYS B 188 7.56 -5.77 -27.52
N ALA B 189 7.30 -5.43 -26.24
CA ALA B 189 8.35 -5.07 -25.29
C ALA B 189 9.26 -6.26 -25.06
N LYS B 190 10.55 -5.96 -24.79
CA LYS B 190 11.55 -6.97 -24.47
C LYS B 190 11.88 -6.94 -22.99
N SER B 191 11.40 -5.89 -22.28
CA SER B 191 11.67 -5.84 -20.86
C SER B 191 10.53 -5.09 -20.17
N LEU B 192 10.53 -5.17 -18.83
CA LEU B 192 9.52 -4.47 -18.07
C LEU B 192 9.99 -3.07 -17.68
N GLY B 193 11.03 -2.53 -18.31
CA GLY B 193 11.40 -1.14 -18.09
C GLY B 193 12.09 -0.95 -16.75
N ASN B 194 11.71 0.15 -16.06
CA ASN B 194 12.41 0.48 -14.84
C ASN B 194 11.83 -0.31 -13.66
N LEU B 195 12.61 -1.27 -13.13
CA LEU B 195 12.22 -2.13 -12.04
C LEU B 195 12.87 -1.75 -10.69
N GLY B 196 13.49 -0.57 -10.65
CA GLY B 196 14.20 -0.24 -9.42
C GLY B 196 13.32 -0.12 -8.17
N ASP B 197 12.03 0.23 -8.35
CA ASP B 197 11.14 0.35 -7.23
C ASP B 197 10.07 -0.74 -7.30
N ALA B 198 10.28 -1.76 -8.13
CA ALA B 198 9.24 -2.75 -8.39
C ALA B 198 9.13 -3.80 -7.31
N ASP B 199 7.96 -4.43 -7.26
CA ASP B 199 7.70 -5.60 -6.45
C ASP B 199 7.70 -6.80 -7.37
N THR B 200 8.83 -7.48 -7.47
CA THR B 200 9.01 -8.52 -8.46
C THR B 200 8.18 -9.77 -8.13
N GLU B 201 7.85 -10.00 -6.86
CA GLU B 201 7.05 -11.15 -6.53
C GLU B 201 5.62 -10.98 -7.04
N HIS B 202 5.05 -9.79 -6.80
CA HIS B 202 3.61 -9.60 -6.99
C HIS B 202 3.27 -9.01 -8.36
N TYR B 203 4.28 -8.64 -9.14
CA TYR B 203 4.03 -7.90 -10.40
C TYR B 203 3.10 -8.70 -11.31
N ALA B 204 3.38 -10.01 -11.52
CA ALA B 204 2.59 -10.72 -12.51
C ALA B 204 1.10 -10.76 -12.13
N ALA B 205 0.83 -11.05 -10.84
CA ALA B 205 -0.54 -11.06 -10.38
C ALA B 205 -1.21 -9.69 -10.53
N SER B 206 -0.46 -8.64 -10.27
CA SER B 206 -1.00 -7.30 -10.43
C SER B 206 -1.36 -6.98 -11.87
N ALA B 207 -0.49 -7.36 -12.82
CA ALA B 207 -0.80 -7.14 -14.23
C ALA B 207 -2.08 -7.93 -14.59
N ARG B 208 -2.17 -9.18 -14.10
CA ARG B 208 -3.33 -10.05 -14.37
C ARG B 208 -4.60 -9.46 -13.74
N ALA B 209 -4.47 -8.80 -12.59
CA ALA B 209 -5.61 -8.21 -11.90
C ALA B 209 -6.13 -7.01 -12.70
N PHE B 210 -5.23 -6.19 -13.27
CA PHE B 210 -5.65 -5.10 -14.13
C PHE B 210 -6.51 -5.60 -15.30
N GLY B 211 -6.05 -6.69 -15.94
CA GLY B 211 -6.85 -7.22 -17.05
C GLY B 211 -8.22 -7.73 -16.59
N ALA B 212 -8.28 -8.35 -15.41
CA ALA B 212 -9.54 -8.89 -14.91
C ALA B 212 -10.47 -7.76 -14.47
N ALA B 213 -9.91 -6.62 -14.03
CA ALA B 213 -10.70 -5.48 -13.58
C ALA B 213 -11.41 -4.79 -14.72
N PHE B 214 -10.81 -4.80 -15.91
CA PHE B 214 -11.36 -4.08 -17.06
C PHE B 214 -11.51 -5.11 -18.18
N PRO B 215 -12.40 -6.11 -18.02
CA PRO B 215 -12.33 -7.34 -18.83
C PRO B 215 -12.71 -7.14 -20.27
N LYS B 216 -13.40 -6.04 -20.56
N LYS B 216 -13.39 -6.05 -20.57
CA LYS B 216 -13.83 -5.81 -21.95
CA LYS B 216 -13.77 -5.90 -21.96
C LYS B 216 -13.12 -4.62 -22.60
C LYS B 216 -13.03 -4.73 -22.63
N ALA B 217 -12.14 -3.98 -21.92
CA ALA B 217 -11.36 -2.92 -22.57
C ALA B 217 -10.62 -3.51 -23.75
N SER B 218 -10.67 -2.85 -24.89
CA SER B 218 -9.98 -3.33 -26.08
C SER B 218 -8.80 -2.44 -26.48
N MET B 219 -8.69 -1.24 -25.89
CA MET B 219 -7.58 -0.38 -26.18
C MET B 219 -6.86 -0.17 -24.85
N ILE B 220 -5.64 -0.63 -24.76
CA ILE B 220 -4.85 -0.52 -23.55
C ILE B 220 -3.80 0.56 -23.75
N VAL B 221 -3.96 1.64 -22.99
CA VAL B 221 -3.06 2.78 -23.07
C VAL B 221 -2.02 2.60 -21.96
N MET B 222 -0.79 3.00 -22.22
CA MET B 222 0.27 2.77 -21.26
C MET B 222 1.26 3.90 -21.34
N SER B 223 2.14 3.99 -20.36
CA SER B 223 2.99 5.17 -20.30
C SER B 223 4.02 5.25 -21.43
N HIS B 224 4.59 4.13 -21.87
CA HIS B 224 5.80 4.23 -22.68
C HIS B 224 5.70 3.55 -24.04
N SER B 225 4.50 3.26 -24.51
CA SER B 225 4.29 2.76 -25.86
C SER B 225 2.96 3.26 -26.37
N ALA B 226 2.75 3.17 -27.67
CA ALA B 226 1.45 3.53 -28.24
C ALA B 226 0.41 2.55 -27.74
N PRO B 227 -0.88 2.93 -27.83
CA PRO B 227 -1.89 1.99 -27.38
C PRO B 227 -1.83 0.65 -28.07
N ASP B 228 -2.20 -0.37 -27.32
CA ASP B 228 -2.08 -1.73 -27.81
C ASP B 228 -3.37 -2.46 -27.50
N SER B 229 -3.46 -3.71 -27.98
CA SER B 229 -4.58 -4.57 -27.67
C SER B 229 -4.37 -5.22 -26.30
N ARG B 230 -5.31 -6.08 -25.90
CA ARG B 230 -5.26 -6.73 -24.61
C ARG B 230 -4.03 -7.62 -24.48
N ALA B 231 -3.44 -8.08 -25.58
CA ALA B 231 -2.25 -8.87 -25.49
C ALA B 231 -1.14 -8.18 -24.67
N ALA B 232 -1.11 -6.85 -24.62
CA ALA B 232 -0.11 -6.17 -23.81
C ALA B 232 -0.19 -6.64 -22.35
N ILE B 233 -1.42 -6.82 -21.86
CA ILE B 233 -1.58 -7.19 -20.45
C ILE B 233 -0.99 -8.57 -20.22
N THR B 234 -1.36 -9.54 -21.06
N THR B 234 -1.38 -9.56 -21.05
CA THR B 234 -0.91 -10.91 -20.87
CA THR B 234 -0.94 -10.92 -20.88
C THR B 234 0.59 -11.06 -21.11
C THR B 234 0.58 -11.05 -21.11
N HIS B 235 1.07 -10.39 -22.15
CA HIS B 235 2.48 -10.45 -22.43
C HIS B 235 3.27 -9.86 -21.26
N THR B 236 2.80 -8.76 -20.70
CA THR B 236 3.44 -8.18 -19.53
C THR B 236 3.46 -9.17 -18.37
N ALA B 237 2.32 -9.78 -18.10
CA ALA B 237 2.23 -10.73 -16.99
C ALA B 237 3.19 -11.89 -17.17
N ARG B 238 3.29 -12.40 -18.42
CA ARG B 238 4.20 -13.51 -18.68
C ARG B 238 5.66 -13.09 -18.56
N MET B 239 6.01 -11.86 -18.89
CA MET B 239 7.38 -11.40 -18.62
C MET B 239 7.60 -11.32 -17.11
N ALA B 240 6.58 -10.84 -16.39
CA ALA B 240 6.71 -10.71 -14.95
C ALA B 240 6.78 -12.06 -14.26
N ASP B 241 6.16 -13.09 -14.83
CA ASP B 241 6.28 -14.43 -14.28
C ASP B 241 7.74 -14.90 -14.19
N LYS B 242 8.60 -14.37 -15.03
CA LYS B 242 10.01 -14.75 -15.01
C LYS B 242 10.79 -14.10 -13.87
N LEU B 243 10.18 -13.13 -13.16
CA LEU B 243 10.85 -12.40 -12.09
C LEU B 243 10.72 -13.18 -10.78
N ARG B 244 9.80 -14.14 -10.71
CA ARG B 244 9.57 -14.95 -9.52
C ARG B 244 10.32 -16.29 -9.64
ZN ZN C . 6.50 -10.55 7.58
ZN ZN D . 7.86 -11.57 11.45
CA CA E . 5.81 -13.25 -0.24
CA CA F . -5.94 -21.70 8.46
C14 HCQ G . 6.91 -20.13 6.92
C13 HCQ G . 8.86 -19.06 8.39
C12 HCQ G . 9.47 -17.89 8.97
C11 HCQ G . 8.84 -16.55 8.79
C01 HCQ G . 7.63 -18.96 7.61
C02 HCQ G . 6.97 -17.67 7.41
C03 HCQ G . 7.63 -16.52 8.03
C04 HCQ G . 7.01 -15.14 7.97
C05 HCQ G . 8.05 -14.31 8.70
B06 HCQ G . 8.03 -12.72 8.71
O07 HCQ G . 8.71 -12.08 7.46
O08 HCQ G . 8.80 -12.19 9.87
O09 HCQ G . 6.70 -12.07 8.72
S10 HCQ G . 9.33 -15.11 9.40
N15 HCQ G . 6.85 -21.32 7.70
ZN ZN H . 7.47 4.74 -12.35
ZN ZN I . 7.05 5.37 -16.54
CA CA J . 12.60 5.48 -5.88
CA CA K . 7.93 21.29 -9.42
C14 HCQ L . 15.52 10.13 -16.64
C13 HCQ L . 13.86 10.36 -14.61
C12 HCQ L . 12.67 9.84 -13.82
C11 HCQ L . 11.93 8.56 -14.28
C01 HCQ L . 14.33 9.62 -15.84
C02 HCQ L . 13.59 8.36 -16.28
C03 HCQ L . 12.38 7.85 -15.47
C04 HCQ L . 11.41 6.57 -15.69
C05 HCQ L . 10.43 6.57 -14.61
B06 HCQ L . 9.22 5.45 -14.40
O07 HCQ L . 9.76 4.21 -13.43
O08 HCQ L . 7.89 6.17 -13.68
O09 HCQ L . 8.76 4.83 -15.89
S10 HCQ L . 10.70 7.81 -13.70
N15 HCQ L . 16.59 9.14 -16.60
N1 EPE M . -0.87 -18.78 -19.60
C2 EPE M . 0.20 -18.90 -18.55
C3 EPE M . 1.48 -18.93 -19.34
N4 EPE M . 1.57 -20.00 -20.36
C5 EPE M . 0.45 -19.98 -21.35
C6 EPE M . -0.86 -19.94 -20.53
C7 EPE M . 2.95 -19.72 -20.82
C8 EPE M . 3.61 -20.91 -21.42
O8 EPE M . 2.78 -21.10 -22.56
C9 EPE M . -2.24 -18.61 -19.04
C10 EPE M . -2.37 -17.47 -18.05
S EPE M . -2.13 -15.98 -18.78
O1S EPE M . -2.84 -16.02 -20.10
O2S EPE M . -0.71 -15.79 -18.90
O3S EPE M . -2.79 -14.89 -17.90
#